data_1KS5
#
_entry.id   1KS5
#
_cell.length_a   131.57
_cell.length_b   131.57
_cell.length_c   71.64
_cell.angle_alpha   90.00
_cell.angle_beta   90.00
_cell.angle_gamma   90.00
#
_symmetry.space_group_name_H-M   'I 4 2 2'
#
loop_
_entity.id
_entity.type
_entity.pdbx_description
1 polymer 'Endoglucanase A'
2 water water
#
_entity_poly.entity_id   1
_entity_poly.type   'polypeptide(L)'
_entity_poly.pdbx_seq_one_letter_code
;QTMCSQYDSASSPPYSVNQNLWGEYQGTGSQCVYVDKLSSSGASWHTEWTWSGGEGTVKSYSNSGVTFNKKLVSDVSSIP
TSVEWKQDNTNVNADVAYDLFTAANVDHATSSGDYELMIWLARYGNIQPIGKQIATATVGGKSWEVWYGSTTQAGAEQRT
YSFVSESPINSYSGDINAFFSYLTQNQGFPASSQYLINLQFGTEAFTGGPATFTVDNWTASVN
;
_entity_poly.pdbx_strand_id   A
#
# COMPACT_ATOMS: atom_id res chain seq x y z
N GLN A 1 -8.12 -17.14 -10.69
CA GLN A 1 -9.37 -16.43 -10.31
C GLN A 1 -9.39 -15.07 -11.00
N THR A 2 -10.52 -14.72 -11.61
CA THR A 2 -10.67 -13.43 -12.28
C THR A 2 -11.71 -12.67 -11.48
N MET A 3 -11.33 -11.50 -10.97
CA MET A 3 -12.24 -10.70 -10.15
C MET A 3 -12.44 -9.32 -10.73
N CYS A 4 -13.67 -9.02 -11.13
CA CYS A 4 -13.98 -7.72 -11.71
C CYS A 4 -15.07 -6.92 -11.01
N SER A 5 -15.69 -7.47 -9.98
CA SER A 5 -16.74 -6.72 -9.27
C SER A 5 -16.07 -5.74 -8.32
N GLN A 6 -16.86 -4.99 -7.53
CA GLN A 6 -16.26 -3.99 -6.64
C GLN A 6 -15.33 -4.48 -5.54
N TYR A 7 -15.72 -5.56 -4.85
CA TYR A 7 -14.90 -6.10 -3.77
C TYR A 7 -14.85 -7.62 -3.86
N ASP A 8 -13.66 -8.15 -4.07
CA ASP A 8 -13.49 -9.60 -4.14
C ASP A 8 -12.14 -9.97 -3.56
N SER A 9 -12.04 -11.17 -3.03
CA SER A 9 -10.80 -11.65 -2.47
C SER A 9 -10.60 -13.12 -2.76
N ALA A 10 -9.35 -13.51 -2.94
CA ALA A 10 -8.98 -14.89 -3.16
C ALA A 10 -7.89 -15.08 -2.13
N SER A 11 -7.91 -16.19 -1.41
CA SER A 11 -6.87 -16.38 -0.42
C SER A 11 -6.34 -17.79 -0.27
N SER A 12 -5.11 -17.85 0.21
CA SER A 12 -4.42 -19.10 0.48
C SER A 12 -3.58 -18.68 1.68
N PRO A 13 -4.16 -18.80 2.89
CA PRO A 13 -3.50 -18.43 4.13
C PRO A 13 -2.00 -18.64 4.10
N PRO A 14 -1.22 -17.62 4.51
CA PRO A 14 -1.70 -16.30 4.97
C PRO A 14 -1.88 -15.22 3.91
N TYR A 15 -1.73 -15.59 2.64
CA TYR A 15 -1.83 -14.60 1.56
C TYR A 15 -3.21 -14.42 0.92
N SER A 16 -3.42 -13.23 0.38
CA SER A 16 -4.68 -12.92 -0.29
C SER A 16 -4.42 -11.94 -1.42
N VAL A 17 -5.29 -11.98 -2.43
CA VAL A 17 -5.22 -11.06 -3.57
C VAL A 17 -6.60 -10.43 -3.53
N ASN A 18 -6.64 -9.10 -3.50
CA ASN A 18 -7.89 -8.38 -3.38
C ASN A 18 -8.22 -7.35 -4.45
N GLN A 19 -9.45 -7.43 -4.96
CA GLN A 19 -9.97 -6.49 -5.95
C GLN A 19 -10.68 -5.49 -5.03
N ASN A 20 -10.33 -4.23 -5.14
CA ASN A 20 -10.91 -3.22 -4.27
C ASN A 20 -11.14 -1.88 -4.99
N LEU A 21 -12.31 -1.76 -5.60
CA LEU A 21 -12.70 -0.55 -6.34
C LEU A 21 -13.53 0.37 -5.44
N TRP A 22 -13.01 0.68 -4.26
CA TRP A 22 -13.77 1.51 -3.34
C TRP A 22 -14.14 2.92 -3.84
N GLY A 23 -13.35 3.47 -4.76
CA GLY A 23 -13.65 4.79 -5.28
C GLY A 23 -14.29 4.76 -6.65
N GLU A 24 -14.84 3.61 -7.01
CA GLU A 24 -15.48 3.37 -8.30
C GLU A 24 -16.52 4.40 -8.76
N TYR A 25 -17.37 4.83 -7.83
CA TYR A 25 -18.42 5.79 -8.18
C TYR A 25 -17.94 7.21 -8.47
N GLN A 26 -16.67 7.47 -8.26
CA GLN A 26 -16.11 8.81 -8.51
C GLN A 26 -15.69 8.98 -9.97
N GLY A 27 -15.85 7.93 -10.77
CA GLY A 27 -15.47 8.03 -12.17
C GLY A 27 -16.11 6.98 -13.04
N THR A 28 -15.56 6.80 -14.24
CA THR A 28 -16.07 5.83 -15.19
C THR A 28 -14.92 4.95 -15.68
N GLY A 29 -15.14 3.64 -15.71
CA GLY A 29 -14.11 2.74 -16.18
C GLY A 29 -14.36 1.31 -15.75
N SER A 30 -13.32 0.49 -15.85
CA SER A 30 -13.41 -0.91 -15.47
C SER A 30 -12.06 -1.41 -15.02
N GLN A 31 -12.06 -2.46 -14.22
CA GLN A 31 -10.83 -3.03 -13.71
C GLN A 31 -11.08 -4.44 -13.17
N CYS A 32 -10.15 -5.33 -13.50
CA CYS A 32 -10.22 -6.71 -13.02
C CYS A 32 -8.86 -7.08 -12.47
N VAL A 33 -8.86 -7.99 -11.50
CA VAL A 33 -7.62 -8.50 -10.92
C VAL A 33 -7.56 -9.96 -11.35
N TYR A 34 -6.39 -10.41 -11.76
CA TYR A 34 -6.17 -11.78 -12.21
C TYR A 34 -5.14 -12.45 -11.30
N VAL A 35 -5.51 -13.57 -10.71
CA VAL A 35 -4.60 -14.31 -9.85
C VAL A 35 -3.75 -15.19 -10.75
N ASP A 36 -2.44 -15.02 -10.70
CA ASP A 36 -1.55 -15.83 -11.52
C ASP A 36 -1.05 -17.04 -10.72
N LYS A 37 -0.66 -16.80 -9.48
CA LYS A 37 -0.20 -17.88 -8.62
C LYS A 37 -0.38 -17.43 -7.17
N LEU A 38 -1.16 -18.19 -6.41
CA LEU A 38 -1.41 -17.87 -5.02
C LEU A 38 -1.25 -19.10 -4.16
N SER A 39 -0.35 -19.05 -3.19
CA SER A 39 -0.12 -20.17 -2.29
C SER A 39 0.31 -19.63 -0.95
N SER A 40 0.58 -20.51 0.00
CA SER A 40 1.00 -20.10 1.33
C SER A 40 2.40 -19.47 1.33
N SER A 41 3.09 -19.54 0.20
CA SER A 41 4.44 -18.99 0.12
C SER A 41 4.56 -17.66 -0.63
N GLY A 42 3.47 -17.15 -1.18
CA GLY A 42 3.56 -15.89 -1.88
C GLY A 42 2.44 -15.68 -2.88
N ALA A 43 2.36 -14.45 -3.40
CA ALA A 43 1.32 -14.12 -4.36
C ALA A 43 1.86 -13.51 -5.63
N SER A 44 1.25 -13.92 -6.75
CA SER A 44 1.61 -13.41 -8.06
C SER A 44 0.28 -13.06 -8.71
N TRP A 45 0.15 -11.83 -9.18
CA TRP A 45 -1.10 -11.39 -9.79
C TRP A 45 -0.89 -10.18 -10.69
N HIS A 46 -1.93 -9.84 -11.45
CA HIS A 46 -1.85 -8.65 -12.27
C HIS A 46 -3.24 -8.03 -12.39
N THR A 47 -3.28 -6.76 -12.75
CA THR A 47 -4.55 -6.08 -12.89
C THR A 47 -4.52 -5.15 -14.08
N GLU A 48 -5.61 -5.13 -14.83
CA GLU A 48 -5.72 -4.26 -15.99
C GLU A 48 -6.84 -3.27 -15.69
N TRP A 49 -6.59 -2.00 -15.95
CA TRP A 49 -7.58 -0.98 -15.64
C TRP A 49 -7.60 0.23 -16.56
N THR A 50 -8.76 0.88 -16.58
CA THR A 50 -8.97 2.10 -17.35
C THR A 50 -9.95 2.93 -16.51
N TRP A 51 -9.54 4.14 -16.16
CA TRP A 51 -10.38 5.03 -15.37
C TRP A 51 -10.35 6.45 -15.91
N SER A 52 -11.51 7.10 -15.91
CA SER A 52 -11.64 8.48 -16.37
C SER A 52 -12.50 9.24 -15.37
N GLY A 53 -12.30 10.55 -15.29
CA GLY A 53 -13.08 11.36 -14.36
C GLY A 53 -12.54 11.40 -12.95
N GLY A 54 -13.03 12.36 -12.17
CA GLY A 54 -12.60 12.50 -10.79
C GLY A 54 -11.09 12.58 -10.67
N GLU A 55 -10.49 13.53 -11.39
CA GLU A 55 -9.05 13.70 -11.35
C GLU A 55 -8.62 13.94 -9.91
N GLY A 56 -7.50 13.33 -9.51
CA GLY A 56 -7.01 13.52 -8.17
C GLY A 56 -7.61 12.60 -7.12
N THR A 57 -8.64 11.83 -7.49
CA THR A 57 -9.28 10.91 -6.55
C THR A 57 -8.99 9.47 -6.92
N VAL A 58 -8.63 8.65 -5.93
CA VAL A 58 -8.32 7.26 -6.17
C VAL A 58 -9.58 6.44 -6.44
N LYS A 59 -9.55 5.65 -7.51
CA LYS A 59 -10.69 4.81 -7.89
C LYS A 59 -10.55 3.41 -7.30
N SER A 60 -9.33 2.96 -7.12
CA SER A 60 -9.11 1.62 -6.59
C SER A 60 -7.74 1.42 -5.98
N TYR A 61 -7.62 0.32 -5.25
CA TYR A 61 -6.35 -0.08 -4.67
C TYR A 61 -6.36 -1.60 -4.62
N SER A 62 -6.23 -2.20 -5.79
CA SER A 62 -6.18 -3.66 -5.90
C SER A 62 -4.85 -4.00 -5.22
N ASN A 63 -4.81 -5.10 -4.49
CA ASN A 63 -3.61 -5.40 -3.73
C ASN A 63 -3.53 -6.86 -3.30
N SER A 64 -2.39 -7.22 -2.72
CA SER A 64 -2.22 -8.54 -2.15
C SER A 64 -1.93 -8.22 -0.68
N GLY A 65 -2.44 -9.04 0.23
CA GLY A 65 -2.21 -8.78 1.63
C GLY A 65 -1.75 -10.02 2.35
N VAL A 66 -1.41 -9.87 3.63
CA VAL A 66 -0.98 -11.00 4.42
C VAL A 66 -1.61 -10.89 5.80
N THR A 67 -2.05 -12.01 6.34
CA THR A 67 -2.66 -12.02 7.66
C THR A 67 -1.56 -12.36 8.68
N PHE A 68 -1.68 -11.83 9.89
CA PHE A 68 -0.67 -12.07 10.90
C PHE A 68 -1.23 -11.73 12.27
N ASN A 69 -0.52 -12.13 13.32
CA ASN A 69 -0.95 -11.83 14.68
C ASN A 69 -0.71 -10.36 14.96
N LYS A 70 -1.80 -9.61 15.13
CA LYS A 70 -1.70 -8.18 15.38
C LYS A 70 -1.01 -7.94 16.72
N LYS A 71 -0.09 -6.99 16.73
CA LYS A 71 0.66 -6.69 17.94
C LYS A 71 1.16 -5.26 17.95
N LEU A 72 1.63 -4.83 19.13
CA LEU A 72 2.17 -3.49 19.32
C LEU A 72 3.38 -3.32 18.42
N VAL A 73 3.49 -2.16 17.77
CA VAL A 73 4.62 -1.90 16.89
C VAL A 73 5.92 -2.06 17.65
N SER A 74 5.94 -1.62 18.91
CA SER A 74 7.13 -1.72 19.73
C SER A 74 7.51 -3.18 19.99
N ASP A 75 6.57 -4.09 19.79
CA ASP A 75 6.80 -5.52 20.00
C ASP A 75 7.15 -6.26 18.71
N VAL A 76 7.15 -5.56 17.58
CA VAL A 76 7.47 -6.19 16.30
C VAL A 76 8.97 -6.35 16.15
N SER A 77 9.39 -7.57 15.83
CA SER A 77 10.81 -7.90 15.65
C SER A 77 11.30 -7.54 14.25
N SER A 78 10.52 -7.90 13.23
CA SER A 78 10.90 -7.60 11.86
C SER A 78 9.72 -7.81 10.93
N ILE A 79 9.74 -7.12 9.80
CA ILE A 79 8.68 -7.23 8.80
C ILE A 79 9.39 -7.39 7.46
N PRO A 80 9.93 -8.59 7.19
CA PRO A 80 10.63 -8.85 5.94
C PRO A 80 9.66 -8.93 4.77
N THR A 81 10.04 -8.34 3.65
CA THR A 81 9.19 -8.37 2.46
C THR A 81 10.05 -8.30 1.20
N SER A 82 9.51 -8.79 0.09
CA SER A 82 10.23 -8.75 -1.18
C SER A 82 9.18 -8.68 -2.28
N VAL A 83 9.53 -8.05 -3.39
CA VAL A 83 8.59 -7.92 -4.48
C VAL A 83 9.27 -7.56 -5.79
N GLU A 84 8.64 -7.98 -6.89
CA GLU A 84 9.10 -7.68 -8.23
C GLU A 84 7.81 -7.33 -8.97
N TRP A 85 7.75 -6.13 -9.54
CA TRP A 85 6.55 -5.72 -10.25
C TRP A 85 6.92 -4.95 -11.51
N LYS A 86 5.92 -4.74 -12.37
CA LYS A 86 6.11 -3.99 -13.60
C LYS A 86 4.81 -3.28 -13.96
N GLN A 87 4.98 -2.10 -14.56
CA GLN A 87 3.84 -1.28 -14.99
C GLN A 87 3.89 -1.15 -16.50
N ASP A 88 2.80 -1.53 -17.18
CA ASP A 88 2.72 -1.44 -18.63
C ASP A 88 1.79 -0.27 -18.95
N ASN A 89 2.39 0.80 -19.45
CA ASN A 89 1.76 2.07 -19.80
C ASN A 89 1.97 3.00 -18.62
N THR A 90 2.91 3.92 -18.73
CA THR A 90 3.19 4.86 -17.66
C THR A 90 2.52 6.23 -17.87
N ASN A 91 1.73 6.34 -18.93
CA ASN A 91 1.02 7.58 -19.22
C ASN A 91 -0.26 7.56 -18.39
N VAL A 92 -0.11 7.44 -17.08
CA VAL A 92 -1.27 7.38 -16.19
C VAL A 92 -0.98 8.11 -14.88
N ASN A 93 -2.02 8.29 -14.08
CA ASN A 93 -1.89 8.92 -12.77
C ASN A 93 -2.12 7.77 -11.82
N ALA A 94 -1.05 7.34 -11.16
CA ALA A 94 -1.13 6.21 -10.23
C ALA A 94 0.16 6.06 -9.45
N ASP A 95 0.12 5.21 -8.42
CA ASP A 95 1.29 4.94 -7.63
C ASP A 95 1.34 3.45 -7.29
N VAL A 96 2.53 2.98 -6.92
CA VAL A 96 2.75 1.59 -6.54
C VAL A 96 3.24 1.70 -5.10
N ALA A 97 2.51 1.09 -4.16
CA ALA A 97 2.93 1.24 -2.78
C ALA A 97 2.47 0.19 -1.78
N TYR A 98 3.21 0.13 -0.68
CA TYR A 98 2.90 -0.71 0.45
C TYR A 98 2.01 0.21 1.27
N ASP A 99 1.02 -0.35 1.94
CA ASP A 99 0.11 0.42 2.76
C ASP A 99 -0.05 -0.34 4.08
N LEU A 100 0.31 0.29 5.19
CA LEU A 100 0.18 -0.34 6.51
C LEU A 100 -0.62 0.58 7.41
N PHE A 101 -1.47 0.00 8.25
CA PHE A 101 -2.28 0.77 9.18
C PHE A 101 -2.02 0.34 10.61
N THR A 102 -2.09 1.30 11.53
CA THR A 102 -1.92 1.01 12.95
C THR A 102 -3.05 1.75 13.68
N ALA A 103 -3.43 1.24 14.85
CA ALA A 103 -4.49 1.87 15.63
C ALA A 103 -4.28 1.55 17.11
N ALA A 104 -4.75 2.44 17.98
CA ALA A 104 -4.61 2.24 19.41
C ALA A 104 -5.49 1.08 19.90
N ASN A 105 -6.50 0.75 19.09
CA ASN A 105 -7.43 -0.33 19.40
C ASN A 105 -7.16 -1.49 18.46
N VAL A 106 -6.74 -2.64 19.00
CA VAL A 106 -6.44 -3.81 18.19
C VAL A 106 -7.66 -4.34 17.44
N ASP A 107 -8.85 -3.86 17.84
CA ASP A 107 -10.09 -4.27 17.21
C ASP A 107 -10.53 -3.31 16.11
N HIS A 108 -9.69 -2.32 15.82
CA HIS A 108 -10.00 -1.32 14.81
C HIS A 108 -10.18 -1.97 13.43
N ALA A 109 -11.06 -1.40 12.62
CA ALA A 109 -11.30 -1.92 11.28
C ALA A 109 -9.96 -1.84 10.54
N THR A 110 -9.68 -2.84 9.71
CA THR A 110 -8.42 -2.89 8.98
C THR A 110 -8.34 -2.02 7.72
N SER A 111 -9.44 -1.33 7.39
CA SER A 111 -9.47 -0.49 6.21
C SER A 111 -8.90 0.91 6.44
N SER A 112 -8.50 1.19 7.68
CA SER A 112 -7.92 2.47 8.04
C SER A 112 -7.36 2.36 9.46
N GLY A 113 -6.79 3.46 9.96
CA GLY A 113 -6.25 3.44 11.31
C GLY A 113 -5.90 4.82 11.80
N ASP A 114 -5.33 4.90 13.00
CA ASP A 114 -4.93 6.20 13.55
C ASP A 114 -3.76 6.70 12.72
N TYR A 115 -2.91 5.77 12.29
CA TYR A 115 -1.75 6.11 11.48
C TYR A 115 -1.72 5.21 10.25
N GLU A 116 -1.18 5.74 9.16
CA GLU A 116 -1.05 4.99 7.93
C GLU A 116 0.38 5.21 7.45
N LEU A 117 1.08 4.11 7.16
CA LEU A 117 2.44 4.18 6.68
C LEU A 117 2.41 3.69 5.25
N MET A 118 2.85 4.54 4.32
CA MET A 118 2.88 4.16 2.91
C MET A 118 4.31 4.22 2.41
N ILE A 119 4.68 3.22 1.61
CA ILE A 119 6.02 3.16 1.02
C ILE A 119 5.80 3.10 -0.49
N TRP A 120 6.04 4.23 -1.15
CA TRP A 120 5.87 4.37 -2.60
C TRP A 120 7.10 3.92 -3.38
N LEU A 121 6.96 2.84 -4.13
CA LEU A 121 8.06 2.33 -4.95
C LEU A 121 8.04 3.00 -6.32
N ALA A 122 6.93 3.65 -6.64
CA ALA A 122 6.82 4.35 -7.92
C ALA A 122 5.66 5.32 -7.92
N ARG A 123 5.83 6.39 -8.68
CA ARG A 123 4.82 7.43 -8.81
C ARG A 123 4.69 7.76 -10.30
N TYR A 124 3.46 7.79 -10.79
CA TYR A 124 3.23 8.10 -12.20
C TYR A 124 2.28 9.28 -12.36
N GLY A 125 2.53 10.09 -13.38
CA GLY A 125 1.66 11.24 -13.60
C GLY A 125 1.91 12.38 -12.64
N ASN A 126 0.87 13.16 -12.37
CA ASN A 126 0.97 14.32 -11.51
C ASN A 126 0.54 14.11 -10.06
N ILE A 127 0.42 12.86 -9.62
CA ILE A 127 -0.01 12.63 -8.25
C ILE A 127 1.13 12.79 -7.27
N GLN A 128 0.79 13.05 -6.02
CA GLN A 128 1.78 13.19 -4.96
C GLN A 128 1.16 12.74 -3.65
N PRO A 129 2.00 12.45 -2.65
CA PRO A 129 1.50 12.00 -1.35
C PRO A 129 0.66 13.06 -0.65
N ILE A 130 0.00 12.64 0.42
CA ILE A 130 -0.82 13.52 1.23
C ILE A 130 0.10 14.39 2.06
N GLY A 131 -0.25 15.67 2.20
CA GLY A 131 0.56 16.57 3.02
C GLY A 131 1.73 17.24 2.33
N LYS A 132 2.87 17.27 3.01
CA LYS A 132 4.07 17.89 2.46
C LYS A 132 5.31 17.14 2.92
N GLN A 133 6.42 17.37 2.24
CA GLN A 133 7.66 16.72 2.59
C GLN A 133 8.26 17.36 3.83
N ILE A 134 8.62 16.54 4.81
CA ILE A 134 9.18 17.06 6.04
C ILE A 134 10.61 16.61 6.27
N ALA A 135 11.13 15.77 5.37
CA ALA A 135 12.50 15.29 5.48
C ALA A 135 12.85 14.34 4.35
N THR A 136 14.10 13.91 4.34
CA THR A 136 14.61 12.94 3.38
C THR A 136 15.36 12.01 4.31
N ALA A 137 15.11 10.72 4.22
CA ALA A 137 15.77 9.79 5.10
C ALA A 137 16.33 8.58 4.38
N THR A 138 17.34 7.98 4.99
CA THR A 138 17.97 6.78 4.46
C THR A 138 17.48 5.61 5.28
N VAL A 139 16.71 4.72 4.64
CA VAL A 139 16.18 3.56 5.33
C VAL A 139 16.43 2.34 4.46
N GLY A 140 17.08 1.33 5.04
CA GLY A 140 17.37 0.12 4.29
C GLY A 140 18.35 0.35 3.15
N GLY A 141 19.27 1.29 3.34
CA GLY A 141 20.26 1.56 2.31
C GLY A 141 19.75 2.38 1.14
N LYS A 142 18.54 2.92 1.27
CA LYS A 142 17.96 3.73 0.21
C LYS A 142 17.47 5.07 0.74
N SER A 143 17.46 6.07 -0.13
CA SER A 143 17.02 7.41 0.24
C SER A 143 15.54 7.58 -0.08
N TRP A 144 14.80 8.17 0.84
CA TRP A 144 13.37 8.39 0.65
C TRP A 144 12.96 9.79 1.05
N GLU A 145 11.99 10.34 0.31
CA GLU A 145 11.45 11.64 0.64
C GLU A 145 10.43 11.24 1.70
N VAL A 146 10.39 11.97 2.81
CA VAL A 146 9.42 11.65 3.87
C VAL A 146 8.31 12.69 3.87
N TRP A 147 7.08 12.24 3.60
CA TRP A 147 5.92 13.11 3.56
C TRP A 147 4.99 12.85 4.74
N TYR A 148 4.30 13.90 5.19
CA TYR A 148 3.36 13.78 6.29
C TYR A 148 2.15 14.68 6.11
N GLY A 149 0.98 14.10 6.38
CA GLY A 149 -0.25 14.86 6.27
C GLY A 149 -1.33 14.10 7.00
N SER A 150 -2.49 14.73 7.20
CA SER A 150 -3.57 14.06 7.89
C SER A 150 -4.87 14.29 7.14
N THR A 151 -5.85 13.45 7.43
CA THR A 151 -7.16 13.54 6.82
C THR A 151 -8.18 13.20 7.88
N THR A 152 -9.40 13.72 7.73
CA THR A 152 -10.46 13.45 8.69
C THR A 152 -11.73 13.08 7.97
N GLN A 153 -12.36 11.99 8.40
CA GLN A 153 -13.60 11.51 7.81
C GLN A 153 -14.46 10.85 8.87
N ALA A 154 -15.75 11.17 8.84
CA ALA A 154 -16.70 10.61 9.79
C ALA A 154 -16.26 10.78 11.23
N GLY A 155 -15.51 11.85 11.50
CA GLY A 155 -15.06 12.11 12.86
C GLY A 155 -13.74 11.47 13.26
N ALA A 156 -13.15 10.69 12.36
CA ALA A 156 -11.88 10.02 12.66
C ALA A 156 -10.72 10.62 11.85
N GLU A 157 -9.63 10.93 12.53
CA GLU A 157 -8.45 11.50 11.88
C GLU A 157 -7.43 10.42 11.57
N GLN A 158 -6.82 10.49 10.39
CA GLN A 158 -5.81 9.53 9.99
C GLN A 158 -4.52 10.27 9.62
N ARG A 159 -3.47 9.99 10.37
CA ARG A 159 -2.17 10.62 10.14
C ARG A 159 -1.37 9.71 9.22
N THR A 160 -1.01 10.24 8.07
CA THR A 160 -0.29 9.46 7.07
C THR A 160 1.17 9.86 6.84
N TYR A 161 2.06 8.88 6.94
CA TYR A 161 3.48 9.08 6.67
C TYR A 161 3.76 8.32 5.38
N SER A 162 4.31 9.00 4.38
CA SER A 162 4.64 8.36 3.11
C SER A 162 6.12 8.48 2.78
N PHE A 163 6.75 7.36 2.47
CA PHE A 163 8.16 7.36 2.09
C PHE A 163 8.16 7.15 0.58
N VAL A 164 8.70 8.11 -0.16
CA VAL A 164 8.69 8.07 -1.61
C VAL A 164 10.06 7.99 -2.26
N SER A 165 10.26 7.04 -3.16
CA SER A 165 11.54 6.90 -3.84
C SER A 165 11.60 7.94 -4.96
N GLU A 166 12.80 8.35 -5.34
CA GLU A 166 12.95 9.36 -6.40
C GLU A 166 12.58 8.78 -7.77
N SER A 167 12.94 7.53 -8.00
CA SER A 167 12.64 6.87 -9.26
C SER A 167 12.07 5.49 -8.97
N PRO A 168 11.38 4.88 -9.94
CA PRO A 168 10.79 3.55 -9.75
C PRO A 168 11.74 2.45 -9.30
N ILE A 169 11.31 1.69 -8.29
CA ILE A 169 12.09 0.55 -7.80
C ILE A 169 11.25 -0.67 -8.12
N ASN A 170 11.60 -1.38 -9.19
CA ASN A 170 10.85 -2.56 -9.62
C ASN A 170 11.15 -3.84 -8.84
N SER A 171 12.35 -3.93 -8.29
CA SER A 171 12.73 -5.09 -7.50
C SER A 171 13.13 -4.55 -6.13
N TYR A 172 12.36 -4.91 -5.11
CA TYR A 172 12.61 -4.41 -3.77
C TYR A 172 12.47 -5.46 -2.69
N SER A 173 13.31 -5.35 -1.67
CA SER A 173 13.23 -6.24 -0.53
C SER A 173 13.80 -5.47 0.64
N GLY A 174 13.32 -5.78 1.84
CA GLY A 174 13.82 -5.08 3.01
C GLY A 174 13.00 -5.39 4.25
N ASP A 175 13.34 -4.72 5.34
CA ASP A 175 12.63 -4.91 6.60
C ASP A 175 11.81 -3.65 6.81
N ILE A 176 10.51 -3.75 6.61
CA ILE A 176 9.61 -2.61 6.78
C ILE A 176 9.65 -2.06 8.20
N ASN A 177 10.09 -2.87 9.16
CA ASN A 177 10.16 -2.41 10.55
C ASN A 177 11.18 -1.27 10.63
N ALA A 178 12.11 -1.22 9.69
CA ALA A 178 13.12 -0.15 9.69
C ALA A 178 12.43 1.21 9.55
N PHE A 179 11.31 1.26 8.83
CA PHE A 179 10.58 2.51 8.66
C PHE A 179 9.90 2.91 9.97
N PHE A 180 9.36 1.93 10.69
CA PHE A 180 8.71 2.22 11.97
C PHE A 180 9.75 2.70 12.96
N SER A 181 10.92 2.09 12.91
CA SER A 181 12.01 2.46 13.80
C SER A 181 12.39 3.92 13.54
N TYR A 182 12.49 4.30 12.27
CA TYR A 182 12.83 5.68 11.93
C TYR A 182 11.77 6.64 12.48
N LEU A 183 10.50 6.30 12.27
CA LEU A 183 9.39 7.15 12.73
C LEU A 183 9.37 7.29 14.26
N THR A 184 9.68 6.20 14.96
CA THR A 184 9.69 6.20 16.41
C THR A 184 10.78 7.11 16.98
N GLN A 185 11.98 7.03 16.40
CA GLN A 185 13.11 7.81 16.87
C GLN A 185 13.24 9.23 16.31
N ASN A 186 12.68 9.46 15.12
CA ASN A 186 12.80 10.77 14.48
C ASN A 186 11.53 11.59 14.29
N GLN A 187 10.36 10.97 14.42
CA GLN A 187 9.11 11.71 14.22
C GLN A 187 8.13 11.49 15.36
N GLY A 188 8.65 11.05 16.52
CA GLY A 188 7.82 10.83 17.69
C GLY A 188 6.65 9.87 17.55
N PHE A 189 6.77 8.85 16.70
CA PHE A 189 5.69 7.88 16.52
C PHE A 189 5.47 7.09 17.82
N PRO A 190 4.22 7.01 18.31
CA PRO A 190 3.90 6.28 19.55
C PRO A 190 3.84 4.76 19.35
N ALA A 191 5.01 4.16 19.13
CA ALA A 191 5.12 2.74 18.89
C ALA A 191 4.58 1.82 20.00
N SER A 192 4.71 2.25 21.25
CA SER A 192 4.27 1.43 22.37
C SER A 192 2.77 1.46 22.64
N SER A 193 2.02 2.25 21.87
CA SER A 193 0.58 2.33 22.07
C SER A 193 -0.20 2.17 20.75
N GLN A 194 0.49 1.70 19.72
CA GLN A 194 -0.15 1.50 18.40
C GLN A 194 0.03 0.06 17.93
N TYR A 195 -1.07 -0.57 17.53
CA TYR A 195 -1.04 -1.94 17.03
C TYR A 195 -0.97 -1.98 15.51
N LEU A 196 -0.12 -2.83 14.96
CA LEU A 196 -0.04 -2.98 13.52
C LEU A 196 -1.24 -3.87 13.17
N ILE A 197 -2.14 -3.38 12.33
CA ILE A 197 -3.34 -4.17 12.00
C ILE A 197 -3.53 -4.58 10.56
N ASN A 198 -2.72 -4.06 9.64
CA ASN A 198 -2.89 -4.43 8.24
C ASN A 198 -1.62 -4.16 7.43
N LEU A 199 -1.35 -5.02 6.46
CA LEU A 199 -0.17 -4.89 5.60
C LEU A 199 -0.60 -5.33 4.21
N GLN A 200 -0.55 -4.40 3.25
CA GLN A 200 -0.93 -4.69 1.88
C GLN A 200 0.03 -4.03 0.89
N PHE A 201 -0.02 -4.50 -0.35
CA PHE A 201 0.82 -3.96 -1.41
C PHE A 201 0.04 -3.99 -2.71
N GLY A 202 0.07 -2.88 -3.43
CA GLY A 202 -0.66 -2.82 -4.69
C GLY A 202 -0.46 -1.51 -5.40
N THR A 203 -1.45 -1.13 -6.20
CA THR A 203 -1.37 0.11 -6.95
C THR A 203 -2.65 0.92 -6.79
N GLU A 204 -2.49 2.22 -6.55
CA GLU A 204 -3.64 3.11 -6.43
C GLU A 204 -3.80 3.72 -7.81
N ALA A 205 -4.96 3.50 -8.42
CA ALA A 205 -5.24 4.03 -9.75
C ALA A 205 -6.16 5.25 -9.66
N PHE A 206 -5.76 6.34 -10.32
CA PHE A 206 -6.54 7.58 -10.34
C PHE A 206 -7.23 7.76 -11.70
N THR A 207 -6.44 7.97 -12.75
CA THR A 207 -6.97 8.14 -14.10
C THR A 207 -5.98 7.63 -15.13
N GLY A 208 -6.47 7.31 -16.32
CA GLY A 208 -5.60 6.81 -17.38
C GLY A 208 -5.96 5.40 -17.79
N GLY A 209 -5.22 4.85 -18.75
CA GLY A 209 -5.48 3.50 -19.19
C GLY A 209 -5.82 3.40 -20.66
N PRO A 210 -5.90 2.19 -21.22
CA PRO A 210 -5.68 0.91 -20.53
C PRO A 210 -4.24 0.71 -20.03
N ALA A 211 -4.13 0.22 -18.81
CA ALA A 211 -2.82 -0.03 -18.22
C ALA A 211 -2.84 -1.38 -17.50
N THR A 212 -1.68 -1.99 -17.37
CA THR A 212 -1.57 -3.27 -16.69
C THR A 212 -0.45 -3.22 -15.65
N PHE A 213 -0.79 -3.58 -14.41
CA PHE A 213 0.14 -3.61 -13.31
C PHE A 213 0.36 -5.08 -13.00
N THR A 214 1.60 -5.53 -13.00
CA THR A 214 1.90 -6.92 -12.75
C THR A 214 2.82 -7.14 -11.56
N VAL A 215 2.43 -8.05 -10.69
CA VAL A 215 3.23 -8.39 -9.53
C VAL A 215 3.76 -9.80 -9.80
N ASP A 216 5.03 -9.88 -10.20
CA ASP A 216 5.66 -11.17 -10.51
C ASP A 216 5.74 -12.06 -9.28
N ASN A 217 5.96 -11.45 -8.13
CA ASN A 217 6.02 -12.19 -6.88
C ASN A 217 6.00 -11.21 -5.72
N TRP A 218 5.38 -11.62 -4.63
CA TRP A 218 5.29 -10.79 -3.44
C TRP A 218 5.27 -11.66 -2.19
N THR A 219 6.13 -11.33 -1.23
CA THR A 219 6.18 -12.07 0.02
C THR A 219 6.22 -11.03 1.13
N ALA A 220 5.71 -11.40 2.30
CA ALA A 220 5.71 -10.50 3.45
C ALA A 220 5.36 -11.30 4.70
N SER A 221 5.96 -10.91 5.81
CA SER A 221 5.72 -11.58 7.08
C SER A 221 5.88 -10.56 8.20
N VAL A 222 5.20 -10.79 9.32
CA VAL A 222 5.31 -9.91 10.47
C VAL A 222 5.72 -10.77 11.65
N ASN A 223 6.93 -10.55 12.16
CA ASN A 223 7.47 -11.32 13.27
C ASN A 223 7.47 -10.51 14.57
#